data_6LKI
#
_entry.id   6LKI
#
_cell.length_a   95.231
_cell.length_b   106.642
_cell.length_c   120.331
_cell.angle_alpha   90.000
_cell.angle_beta   90.000
_cell.angle_gamma   90.000
#
_symmetry.space_group_name_H-M   'C 2 2 21'
#
loop_
_entity.id
_entity.type
_entity.pdbx_description
1 polymer 'ABC transporter, solute-binding protein'
2 polymer 'Sensor protein kinase HptS'
3 non-polymer 'MALONIC ACID'
4 water water
#
loop_
_entity_poly.entity_id
_entity_poly.type
_entity_poly.pdbx_seq_one_letter_code
_entity_poly.pdbx_strand_id
1 'polypeptide(L)'
;GSNVLTVYSPYQSNLIRPILNEFEKQEHVKIEIKHGSTQVLLSNLHNEDFSERGDVFMGGVLSETIDHPEDFVPYQDTSV
TQQLEDYRSNNKYVTSFLLMPTVIVVNSDLQGDIKIRGYQDLLQPILKGKIAYSNPNTTTTGYQHMRAIYSMHHRVSDVH
QFQNHAMQLSKTSKVIEDVAKGKYYAGLSYEQDARTWKNKGYPVSIVYPIEGTMLNVDGIALVKNAHPHPKRKKLVQYLT
SRSVQQRLVAEFDAKSIRKDVSEQSDQSIENLKNIPLIPKSKLPDIPHHKFLEMIQ
;
A
2 'polypeptide(L)'
;TIHQHVDESQSSLHHTEKQIQTFITQHNNSFQELDLTNHHDVTATKRELLKLIHQQPATLYYELSGPNQFITNNYEHLNT
KNMYLFSTHQLKFKNSTYMLKIYMANTPRLSEIKKDNRQFALIVDQYDNILYANDDRFTIGEKYRPQQFGFMNESVKLNH
ADHRLIIYKDI
;
B
#
# COMPACT_ATOMS: atom_id res chain seq x y z
N ASN A 3 -6.32 27.24 0.72
CA ASN A 3 -5.17 26.83 1.52
C ASN A 3 -4.88 25.35 1.31
N VAL A 4 -3.59 25.02 1.18
CA VAL A 4 -3.18 23.65 0.95
C VAL A 4 -3.12 22.90 2.27
N LEU A 5 -3.72 21.71 2.30
CA LEU A 5 -3.61 20.82 3.45
C LEU A 5 -2.34 20.00 3.32
N THR A 6 -1.47 20.08 4.32
CA THR A 6 -0.18 19.41 4.29
C THR A 6 -0.20 18.18 5.19
N VAL A 7 0.25 17.05 4.66
CA VAL A 7 0.22 15.76 5.36
C VAL A 7 1.64 15.21 5.43
N TYR A 8 2.07 14.85 6.63
CA TYR A 8 3.28 14.06 6.82
C TYR A 8 2.91 12.58 6.76
N SER A 9 3.69 11.80 6.01
CA SER A 9 3.36 10.38 5.91
C SER A 9 4.57 9.52 5.61
N PRO A 10 4.81 8.47 6.40
CA PRO A 10 5.86 7.50 6.05
C PRO A 10 5.45 6.50 4.97
N TYR A 11 4.17 6.47 4.59
CA TYR A 11 3.74 5.63 3.48
C TYR A 11 4.31 6.16 2.17
N GLN A 12 4.60 5.24 1.25
CA GLN A 12 5.04 5.64 -0.07
C GLN A 12 3.93 6.41 -0.79
N SER A 13 4.35 7.39 -1.60
CA SER A 13 3.40 8.30 -2.23
C SER A 13 2.34 7.56 -3.03
N ASN A 14 2.78 6.61 -3.88
CA ASN A 14 1.87 5.93 -4.79
C ASN A 14 0.84 5.05 -4.07
N LEU A 15 0.99 4.82 -2.77
CA LEU A 15 0.05 3.99 -2.05
C LEU A 15 -1.09 4.78 -1.41
N ILE A 16 -0.86 6.05 -1.08
CA ILE A 16 -1.88 6.87 -0.45
C ILE A 16 -2.41 7.98 -1.35
N ARG A 17 -1.69 8.37 -2.39
CA ARG A 17 -2.13 9.47 -3.22
C ARG A 17 -3.49 9.23 -3.89
N PRO A 18 -3.79 8.05 -4.47
CA PRO A 18 -5.15 7.87 -5.03
C PRO A 18 -6.26 8.03 -4.00
N ILE A 19 -6.05 7.57 -2.77
CA ILE A 19 -7.08 7.71 -1.75
C ILE A 19 -7.22 9.17 -1.32
N LEU A 20 -6.09 9.87 -1.17
CA LEU A 20 -6.16 11.29 -0.82
C LEU A 20 -6.72 12.12 -1.96
N ASN A 21 -6.59 11.65 -3.21
CA ASN A 21 -7.17 12.35 -4.35
C ASN A 21 -8.69 12.37 -4.28
N GLU A 22 -9.30 11.29 -3.75
CA GLU A 22 -10.75 11.27 -3.61
C GLU A 22 -11.22 12.25 -2.55
N PHE A 23 -10.45 12.38 -1.46
CA PHE A 23 -10.77 13.38 -0.45
C PHE A 23 -10.65 14.79 -1.02
N GLU A 24 -9.63 15.01 -1.85
CA GLU A 24 -9.49 16.30 -2.54
C GLU A 24 -10.74 16.66 -3.31
N LYS A 25 -11.32 15.69 -4.03
CA LYS A 25 -12.51 15.96 -4.82
C LYS A 25 -13.74 16.14 -3.92
N GLN A 26 -13.81 15.39 -2.82
CA GLN A 26 -14.97 15.48 -1.95
C GLN A 26 -15.02 16.81 -1.20
N GLU A 27 -13.87 17.29 -0.74
CA GLU A 27 -13.81 18.46 0.13
C GLU A 27 -13.23 19.69 -0.56
N HIS A 28 -12.97 19.62 -1.88
CA HIS A 28 -12.51 20.77 -2.66
C HIS A 28 -11.25 21.40 -2.04
N VAL A 29 -10.26 20.55 -1.76
CA VAL A 29 -9.01 20.95 -1.15
C VAL A 29 -7.87 20.21 -1.83
N LYS A 30 -6.67 20.77 -1.73
CA LYS A 30 -5.45 20.17 -2.27
C LYS A 30 -4.57 19.71 -1.10
N ILE A 31 -4.03 18.50 -1.22
CA ILE A 31 -3.29 17.84 -0.14
C ILE A 31 -1.86 17.62 -0.62
N GLU A 32 -0.90 18.32 0.00
CA GLU A 32 0.51 18.12 -0.23
C GLU A 32 1.06 17.11 0.77
N ILE A 33 1.92 16.20 0.30
CA ILE A 33 2.45 15.13 1.12
C ILE A 33 3.95 15.32 1.31
N LYS A 34 4.41 15.16 2.54
CA LYS A 34 5.83 15.13 2.88
C LYS A 34 6.21 13.72 3.30
N HIS A 35 7.24 13.16 2.67
CA HIS A 35 7.59 11.77 2.82
C HIS A 35 8.90 11.60 3.59
N GLY A 36 9.14 10.38 4.01
CA GLY A 36 10.33 10.03 4.77
C GLY A 36 10.00 8.96 5.78
N SER A 37 11.04 8.51 6.48
CA SER A 37 10.84 7.56 7.56
C SER A 37 10.05 8.22 8.70
N THR A 38 9.44 7.38 9.53
CA THR A 38 8.63 7.88 10.63
C THR A 38 9.45 8.75 11.58
N GLN A 39 10.66 8.30 11.93
CA GLN A 39 11.47 9.04 12.88
C GLN A 39 12.02 10.32 12.27
N VAL A 40 12.37 10.29 10.98
CA VAL A 40 12.89 11.49 10.33
C VAL A 40 11.79 12.53 10.17
N LEU A 41 10.57 12.09 9.82
CA LEU A 41 9.45 13.03 9.74
C LEU A 41 9.13 13.63 11.10
N LEU A 42 9.18 12.82 12.12
CA LEU A 42 8.93 13.30 13.44
C LEU A 42 10.00 14.30 13.87
N SER A 43 11.24 13.99 13.58
CA SER A 43 12.35 14.84 14.00
C SER A 43 12.31 16.19 13.28
N ASN A 44 12.12 16.17 11.96
CA ASN A 44 12.03 17.43 11.22
C ASN A 44 10.81 18.24 11.62
N LEU A 45 9.71 17.56 11.97
CA LEU A 45 8.54 18.26 12.49
C LEU A 45 8.85 18.93 13.82
N HIS A 46 9.60 18.25 14.68
CA HIS A 46 9.93 18.81 15.99
C HIS A 46 10.80 20.05 15.89
N ASN A 47 11.64 20.13 14.85
CA ASN A 47 12.50 21.28 14.64
C ASN A 47 11.89 22.33 13.73
N GLU A 48 10.65 22.15 13.31
CA GLU A 48 9.94 23.17 12.54
C GLU A 48 9.27 24.16 13.49
N ASP A 49 9.29 25.44 13.09
CA ASP A 49 8.58 26.45 13.85
C ASP A 49 7.07 26.18 13.82
N PHE A 50 6.34 26.95 14.62
CA PHE A 50 4.89 26.84 14.63
C PHE A 50 4.26 27.31 13.32
N SER A 51 4.96 28.16 12.56
CA SER A 51 4.38 28.80 11.40
C SER A 51 4.53 28.00 10.11
N GLU A 52 5.48 27.07 10.04
CA GLU A 52 5.73 26.31 8.83
C GLU A 52 5.29 24.86 8.93
N ARG A 53 4.71 24.44 10.05
CA ARG A 53 4.36 23.04 10.22
C ARG A 53 3.12 22.68 9.41
N GLY A 54 3.04 21.40 9.04
CA GLY A 54 1.87 20.87 8.36
C GLY A 54 0.72 20.65 9.31
N ASP A 55 -0.29 19.93 8.81
CA ASP A 55 -1.55 19.78 9.51
C ASP A 55 -1.79 18.38 10.08
N VAL A 56 -1.45 17.32 9.34
CA VAL A 56 -1.78 15.96 9.72
C VAL A 56 -0.56 15.06 9.53
N PHE A 57 -0.34 14.16 10.49
CA PHE A 57 0.63 13.08 10.39
C PHE A 57 -0.15 11.79 10.14
N MET A 58 0.01 11.22 8.95
CA MET A 58 -0.80 10.07 8.52
C MET A 58 0.09 8.84 8.41
N GLY A 59 -0.13 7.88 9.29
CA GLY A 59 0.58 6.62 9.25
C GLY A 59 1.72 6.55 10.25
N GLY A 60 2.25 5.34 10.40
CA GLY A 60 3.31 5.07 11.34
C GLY A 60 2.77 4.70 12.72
N VAL A 61 3.61 3.97 13.47
CA VAL A 61 3.25 3.56 14.82
C VAL A 61 3.43 4.75 15.76
N LEU A 62 2.53 5.74 15.65
CA LEU A 62 2.70 6.99 16.37
C LEU A 62 2.60 6.80 17.88
N SER A 63 1.68 5.94 18.33
CA SER A 63 1.53 5.71 19.76
C SER A 63 2.78 5.11 20.39
N GLU A 64 3.67 4.53 19.58
CA GLU A 64 4.88 3.91 20.07
C GLU A 64 6.15 4.70 19.77
N THR A 65 6.10 5.69 18.87
CA THR A 65 7.29 6.39 18.44
C THR A 65 7.31 7.88 18.72
N ILE A 66 6.18 8.49 19.03
CA ILE A 66 6.14 9.93 19.29
C ILE A 66 6.90 10.22 20.58
N ASP A 67 8.05 10.87 20.47
CA ASP A 67 8.84 11.25 21.63
C ASP A 67 8.52 12.66 22.12
N HIS A 68 7.82 13.47 21.34
CA HIS A 68 7.48 14.83 21.70
C HIS A 68 5.97 15.02 21.57
N PRO A 69 5.21 14.70 22.62
CA PRO A 69 3.75 14.86 22.55
C PRO A 69 3.31 16.31 22.39
N GLU A 70 4.14 17.27 22.77
CA GLU A 70 3.79 18.68 22.66
C GLU A 70 3.76 19.17 21.22
N ASP A 71 4.11 18.32 20.25
CA ASP A 71 4.05 18.70 18.84
C ASP A 71 2.72 18.37 18.20
N PHE A 72 1.77 17.83 18.96
CA PHE A 72 0.51 17.36 18.40
C PHE A 72 -0.66 17.87 19.25
N VAL A 73 -1.84 17.87 18.65
CA VAL A 73 -3.04 18.45 19.24
C VAL A 73 -3.92 17.31 19.76
N PRO A 74 -4.41 17.38 21.00
CA PRO A 74 -5.33 16.35 21.49
C PRO A 74 -6.61 16.34 20.66
N TYR A 75 -7.06 15.14 20.31
CA TYR A 75 -8.26 15.00 19.50
C TYR A 75 -8.75 13.56 19.54
N GLN A 76 -10.04 13.40 19.87
CA GLN A 76 -10.68 12.10 19.82
C GLN A 76 -12.05 12.29 19.17
N ASP A 77 -12.24 11.73 17.99
CA ASP A 77 -13.55 11.81 17.35
C ASP A 77 -14.57 11.03 18.18
N THR A 78 -15.81 11.52 18.18
CA THR A 78 -16.86 10.85 18.93
C THR A 78 -17.15 9.46 18.38
N SER A 79 -16.78 9.19 17.13
CA SER A 79 -16.94 7.89 16.52
C SER A 79 -15.83 6.91 16.89
N VAL A 80 -15.09 7.18 17.97
CA VAL A 80 -14.09 6.22 18.43
C VAL A 80 -14.75 4.95 18.95
N THR A 81 -16.04 5.01 19.30
CA THR A 81 -16.76 3.82 19.71
C THR A 81 -16.89 2.79 18.60
N GLN A 82 -16.60 3.17 17.36
CA GLN A 82 -16.63 2.24 16.23
C GLN A 82 -15.34 1.43 16.10
N GLN A 83 -14.31 1.75 16.88
CA GLN A 83 -13.02 1.09 16.77
C GLN A 83 -12.92 -0.09 17.72
N LEU A 84 -12.07 -1.05 17.36
CA LEU A 84 -11.82 -2.21 18.21
C LEU A 84 -11.27 -1.77 19.55
N GLU A 85 -11.88 -2.27 20.64
CA GLU A 85 -11.54 -1.81 21.98
C GLU A 85 -10.08 -2.07 22.31
N ASP A 86 -9.55 -3.23 21.89
CA ASP A 86 -8.19 -3.59 22.24
C ASP A 86 -7.15 -2.70 21.58
N TYR A 87 -7.53 -1.93 20.55
CA TYR A 87 -6.57 -1.12 19.81
C TYR A 87 -6.97 0.34 19.70
N ARG A 88 -8.06 0.75 20.34
CA ARG A 88 -8.34 2.16 20.48
C ARG A 88 -7.17 2.86 21.16
N SER A 89 -6.82 4.05 20.67
CA SER A 89 -5.70 4.78 21.22
C SER A 89 -5.95 5.16 22.67
N ASN A 90 -5.09 4.67 23.56
CA ASN A 90 -5.02 5.16 24.94
C ASN A 90 -4.28 6.47 25.04
N ASN A 91 -4.20 7.21 23.93
CA ASN A 91 -3.31 8.33 23.77
C ASN A 91 -4.09 9.50 23.19
N LYS A 92 -4.06 10.63 23.89
CA LYS A 92 -4.96 11.74 23.58
C LYS A 92 -4.73 12.31 22.18
N TYR A 93 -3.49 12.31 21.70
CA TYR A 93 -3.12 13.01 20.48
C TYR A 93 -2.99 12.08 19.27
N VAL A 94 -3.33 10.80 19.42
CA VAL A 94 -3.25 9.84 18.32
C VAL A 94 -4.61 9.19 18.14
N THR A 95 -5.04 9.03 16.90
CA THR A 95 -6.20 8.23 16.54
C THR A 95 -5.71 6.97 15.83
N SER A 96 -6.09 5.81 16.35
CA SER A 96 -5.71 4.55 15.72
C SER A 96 -6.30 4.46 14.32
N PHE A 97 -5.50 3.94 13.38
CA PHE A 97 -5.81 4.03 11.96
C PHE A 97 -5.86 2.65 11.30
N LEU A 98 -4.76 1.91 11.31
CA LEU A 98 -4.70 0.60 10.67
C LEU A 98 -3.87 -0.35 11.54
N LEU A 99 -4.09 -1.65 11.34
CA LEU A 99 -3.36 -2.68 12.06
C LEU A 99 -2.53 -3.47 11.05
N MET A 100 -1.23 -3.55 11.29
CA MET A 100 -0.29 -4.21 10.37
C MET A 100 0.54 -5.23 11.15
N PRO A 101 0.39 -6.52 10.87
CA PRO A 101 1.22 -7.52 11.56
C PRO A 101 2.66 -7.44 11.09
N THR A 102 3.58 -7.48 12.05
CA THR A 102 4.97 -7.77 11.73
C THR A 102 5.11 -9.27 11.51
N VAL A 103 6.07 -9.66 10.66
CA VAL A 103 6.20 -11.05 10.24
C VAL A 103 7.66 -11.42 10.11
N ILE A 104 7.91 -12.73 10.15
CA ILE A 104 9.13 -13.31 9.62
C ILE A 104 8.86 -13.72 8.18
N VAL A 105 9.68 -13.27 7.26
CA VAL A 105 9.58 -13.70 5.86
C VAL A 105 10.63 -14.77 5.61
N VAL A 106 10.24 -15.84 4.93
CA VAL A 106 11.08 -17.02 4.72
C VAL A 106 11.21 -17.26 3.22
N ASN A 107 12.45 -17.48 2.77
CA ASN A 107 12.70 -17.84 1.38
C ASN A 107 12.40 -19.31 1.19
N SER A 108 11.39 -19.62 0.36
CA SER A 108 10.97 -21.00 0.18
C SER A 108 11.89 -21.80 -0.73
N ASP A 109 12.70 -21.12 -1.55
CA ASP A 109 13.69 -21.83 -2.35
C ASP A 109 14.81 -22.38 -1.48
N LEU A 110 15.18 -21.64 -0.43
CA LEU A 110 16.31 -22.00 0.41
C LEU A 110 15.93 -22.80 1.65
N GLN A 111 14.66 -22.73 2.08
CA GLN A 111 14.30 -23.23 3.40
C GLN A 111 14.56 -24.73 3.54
N GLY A 112 14.07 -25.51 2.59
CA GLY A 112 14.21 -26.95 2.69
C GLY A 112 13.47 -27.49 3.89
N ASP A 113 14.18 -28.21 4.76
CA ASP A 113 13.60 -28.80 5.96
C ASP A 113 13.85 -27.98 7.21
N ILE A 114 14.50 -26.82 7.09
CA ILE A 114 14.74 -25.97 8.24
C ILE A 114 13.41 -25.44 8.76
N LYS A 115 13.11 -25.73 10.02
CA LYS A 115 11.87 -25.25 10.63
C LYS A 115 12.04 -23.82 11.11
N ILE A 116 11.10 -22.96 10.72
CA ILE A 116 11.11 -21.54 11.09
C ILE A 116 9.69 -21.18 11.47
N ARG A 117 9.38 -21.27 12.77
CA ARG A 117 8.06 -20.92 13.28
C ARG A 117 8.04 -19.63 14.09
N GLY A 118 9.20 -19.12 14.48
CA GLY A 118 9.25 -17.93 15.30
C GLY A 118 10.67 -17.49 15.53
N TYR A 119 10.84 -16.66 16.57
CA TYR A 119 12.14 -16.01 16.81
C TYR A 119 13.19 -17.02 17.27
N GLN A 120 12.78 -18.02 18.06
CA GLN A 120 13.77 -18.95 18.59
C GLN A 120 14.23 -19.95 17.54
N ASP A 121 13.41 -20.23 16.54
CA ASP A 121 13.88 -21.03 15.41
C ASP A 121 14.94 -20.29 14.61
N LEU A 122 14.88 -18.95 14.59
CA LEU A 122 15.87 -18.17 13.87
C LEU A 122 17.26 -18.28 14.49
N LEU A 123 17.35 -18.67 15.75
CA LEU A 123 18.64 -18.81 16.43
C LEU A 123 19.33 -20.13 16.16
N GLN A 124 18.78 -20.96 15.27
CA GLN A 124 19.41 -22.23 14.96
C GLN A 124 20.79 -22.00 14.36
N PRO A 125 21.77 -22.86 14.67
CA PRO A 125 23.12 -22.67 14.10
C PRO A 125 23.14 -22.64 12.59
N ILE A 126 22.29 -23.42 11.92
CA ILE A 126 22.28 -23.46 10.46
C ILE A 126 21.89 -22.11 9.85
N LEU A 127 21.27 -21.23 10.64
CA LEU A 127 20.84 -19.93 10.14
C LEU A 127 21.74 -18.78 10.59
N LYS A 128 22.84 -19.06 11.29
CA LYS A 128 23.70 -17.99 11.78
C LYS A 128 24.30 -17.21 10.62
N GLY A 129 24.16 -15.87 10.68
CA GLY A 129 24.64 -15.03 9.62
C GLY A 129 23.88 -15.13 8.31
N LYS A 130 22.78 -15.90 8.28
CA LYS A 130 22.03 -16.11 7.06
C LYS A 130 20.63 -15.51 7.12
N ILE A 131 20.35 -14.66 8.11
CA ILE A 131 19.07 -13.99 8.26
C ILE A 131 19.34 -12.52 8.51
N ALA A 132 18.32 -11.70 8.32
CA ALA A 132 18.50 -10.25 8.33
C ALA A 132 17.35 -9.56 9.04
N TYR A 133 17.63 -8.34 9.50
CA TYR A 133 16.64 -7.44 10.08
C TYR A 133 17.11 -6.01 9.82
N SER A 134 16.24 -5.05 10.14
CA SER A 134 16.52 -3.64 9.92
C SER A 134 16.85 -2.94 11.23
N ASN A 135 17.71 -1.91 11.13
CA ASN A 135 18.21 -1.13 12.25
C ASN A 135 17.07 -0.64 13.14
N PRO A 136 16.98 -1.11 14.39
CA PRO A 136 15.90 -0.66 15.28
C PRO A 136 16.02 0.80 15.68
N ASN A 137 17.21 1.40 15.57
CA ASN A 137 17.38 2.79 15.95
C ASN A 137 16.83 3.76 14.91
N THR A 138 16.63 3.30 13.67
CA THR A 138 16.17 4.17 12.59
C THR A 138 14.93 3.68 11.87
N THR A 139 14.49 2.45 12.10
CA THR A 139 13.30 1.91 11.45
C THR A 139 12.34 1.39 12.50
N THR A 140 11.05 1.70 12.32
CA THR A 140 10.05 1.23 13.27
C THR A 140 9.84 -0.28 13.16
N THR A 141 10.08 -0.86 11.98
CA THR A 141 9.95 -2.30 11.83
C THR A 141 10.97 -3.04 12.69
N GLY A 142 12.24 -2.63 12.61
CA GLY A 142 13.25 -3.23 13.46
C GLY A 142 12.99 -2.96 14.94
N TYR A 143 12.52 -1.75 15.25
CA TYR A 143 12.19 -1.43 16.63
C TYR A 143 11.07 -2.32 17.16
N GLN A 144 10.02 -2.51 16.36
CA GLN A 144 8.89 -3.34 16.79
C GLN A 144 9.31 -4.79 16.97
N HIS A 145 10.19 -5.29 16.09
CA HIS A 145 10.66 -6.67 16.22
C HIS A 145 11.51 -6.85 17.47
N MET A 146 12.35 -5.86 17.80
CA MET A 146 13.14 -5.95 19.02
C MET A 146 12.25 -5.90 20.26
N ARG A 147 11.14 -5.15 20.20
CA ARG A 147 10.17 -5.17 21.28
C ARG A 147 9.55 -6.56 21.41
N ALA A 148 9.23 -7.20 20.29
CA ALA A 148 8.65 -8.53 20.32
C ALA A 148 9.62 -9.55 20.91
N ILE A 149 10.90 -9.48 20.51
CA ILE A 149 11.90 -10.37 21.06
C ILE A 149 12.10 -10.11 22.54
N TYR A 150 12.15 -8.83 22.93
CA TYR A 150 12.24 -8.49 24.34
C TYR A 150 11.01 -8.96 25.10
N SER A 151 9.83 -8.94 24.47
CA SER A 151 8.62 -9.35 25.16
C SER A 151 8.60 -10.84 25.47
N MET A 152 9.46 -11.64 24.84
CA MET A 152 9.44 -13.08 25.06
C MET A 152 9.73 -13.41 26.52
N HIS A 153 10.79 -12.85 27.08
CA HIS A 153 11.15 -13.10 28.47
C HIS A 153 11.50 -11.82 29.23
N HIS A 154 11.24 -10.65 28.64
CA HIS A 154 11.61 -9.36 29.25
C HIS A 154 13.11 -9.32 29.55
N ARG A 155 13.91 -9.82 28.61
CA ARG A 155 15.37 -9.88 28.73
C ARG A 155 16.00 -9.06 27.61
N VAL A 156 16.85 -8.10 27.98
CA VAL A 156 17.63 -7.39 26.97
C VAL A 156 18.61 -8.33 26.30
N SER A 157 19.05 -9.37 27.01
CA SER A 157 20.02 -10.31 26.46
C SER A 157 19.46 -11.09 25.28
N ASP A 158 18.14 -11.28 25.22
CA ASP A 158 17.54 -11.94 24.06
C ASP A 158 17.71 -11.10 22.81
N VAL A 159 17.59 -9.77 22.95
CA VAL A 159 17.80 -8.88 21.82
C VAL A 159 19.25 -8.96 21.35
N HIS A 160 20.19 -8.92 22.29
CA HIS A 160 21.61 -8.94 21.94
C HIS A 160 21.99 -10.26 21.30
N GLN A 161 21.44 -11.38 21.79
CA GLN A 161 21.73 -12.67 21.18
C GLN A 161 21.23 -12.73 19.74
N PHE A 162 20.04 -12.18 19.49
CA PHE A 162 19.55 -12.16 18.11
C PHE A 162 20.43 -11.27 17.23
N GLN A 163 20.85 -10.11 17.76
CA GLN A 163 21.69 -9.21 16.98
C GLN A 163 23.09 -9.78 16.74
N ASN A 164 23.49 -10.80 17.50
CA ASN A 164 24.72 -11.53 17.23
C ASN A 164 24.49 -12.75 16.34
N HIS A 165 23.28 -12.91 15.83
CA HIS A 165 22.92 -14.01 14.95
C HIS A 165 22.44 -13.57 13.57
N ALA A 166 21.83 -12.39 13.47
CA ALA A 166 21.23 -11.91 12.23
C ALA A 166 21.95 -10.65 11.75
N MET A 167 22.06 -10.52 10.43
CA MET A 167 22.64 -9.33 9.83
C MET A 167 21.69 -8.14 9.97
N GLN A 168 22.24 -6.99 10.33
CA GLN A 168 21.47 -5.76 10.43
C GLN A 168 21.63 -4.97 9.14
N LEU A 169 20.50 -4.62 8.53
CA LEU A 169 20.46 -3.79 7.33
C LEU A 169 19.93 -2.41 7.67
N SER A 170 20.31 -1.42 6.87
CA SER A 170 19.97 -0.03 7.18
C SER A 170 18.51 0.31 6.91
N LYS A 171 17.83 -0.48 5.99
CA LYS A 171 16.51 -0.05 5.54
C LYS A 171 15.51 -1.19 5.68
N THR A 172 14.36 -1.12 6.06
CA THR A 172 13.43 -2.24 6.15
C THR A 172 13.15 -2.85 4.78
N SER A 173 13.08 -2.01 3.75
CA SER A 173 12.78 -2.51 2.41
C SER A 173 13.87 -3.43 1.88
N LYS A 174 15.11 -3.21 2.32
CA LYS A 174 16.20 -4.08 1.89
C LYS A 174 16.07 -5.49 2.47
N VAL A 175 15.39 -5.62 3.62
CA VAL A 175 15.23 -6.93 4.25
C VAL A 175 14.40 -7.85 3.35
N ILE A 176 13.21 -7.39 2.94
CA ILE A 176 12.35 -8.23 2.11
C ILE A 176 12.99 -8.45 0.74
N GLU A 177 13.64 -7.43 0.19
CA GLU A 177 14.26 -7.56 -1.12
C GLU A 177 15.35 -8.62 -1.12
N ASP A 178 16.23 -8.58 -0.11
CA ASP A 178 17.35 -9.51 -0.07
C ASP A 178 16.91 -10.92 0.30
N VAL A 179 15.86 -11.05 1.12
CA VAL A 179 15.31 -12.38 1.39
C VAL A 179 14.65 -12.94 0.13
N ALA A 180 13.84 -12.12 -0.54
CA ALA A 180 13.13 -12.59 -1.73
C ALA A 180 14.11 -12.99 -2.84
N LYS A 181 15.21 -12.28 -2.96
CA LYS A 181 16.20 -12.56 -4.00
C LYS A 181 17.19 -13.65 -3.61
N GLY A 182 17.07 -14.22 -2.41
CA GLY A 182 17.88 -15.36 -2.03
C GLY A 182 19.18 -15.06 -1.34
N LYS A 183 19.41 -13.81 -0.93
CA LYS A 183 20.62 -13.48 -0.19
C LYS A 183 20.56 -13.96 1.26
N TYR A 184 19.35 -14.04 1.82
CA TYR A 184 19.15 -14.49 3.19
C TYR A 184 18.05 -15.55 3.22
N TYR A 185 18.15 -16.46 4.19
CA TYR A 185 17.13 -17.49 4.35
C TYR A 185 15.83 -16.92 4.90
N ALA A 186 15.93 -15.92 5.79
CA ALA A 186 14.76 -15.36 6.42
C ALA A 186 15.06 -13.93 6.86
N GLY A 187 14.00 -13.19 7.18
CA GLY A 187 14.16 -11.81 7.59
C GLY A 187 12.97 -11.32 8.36
N LEU A 188 13.18 -10.24 9.12
CA LEU A 188 12.14 -9.61 9.93
C LEU A 188 11.55 -8.44 9.15
N SER A 189 10.27 -8.54 8.80
CA SER A 189 9.62 -7.57 7.93
C SER A 189 8.20 -7.33 8.46
N TYR A 190 7.30 -6.91 7.58
CA TYR A 190 5.89 -6.79 7.92
C TYR A 190 5.06 -7.26 6.73
N GLU A 191 3.78 -7.57 7.02
CA GLU A 191 2.99 -8.35 6.07
C GLU A 191 2.86 -7.64 4.73
N GLN A 192 2.62 -6.33 4.74
CA GLN A 192 2.43 -5.60 3.48
C GLN A 192 3.69 -5.68 2.61
N ASP A 193 4.86 -5.49 3.20
CA ASP A 193 6.11 -5.55 2.43
C ASP A 193 6.34 -6.96 1.89
N ALA A 194 6.03 -7.98 2.70
CA ALA A 194 6.22 -9.36 2.26
C ALA A 194 5.33 -9.69 1.06
N ARG A 195 4.05 -9.33 1.14
CA ARG A 195 3.12 -9.65 0.06
C ARG A 195 3.45 -8.90 -1.22
N THR A 196 4.01 -7.69 -1.09
CA THR A 196 4.40 -6.93 -2.29
C THR A 196 5.36 -7.73 -3.16
N TRP A 197 6.34 -8.39 -2.56
CA TRP A 197 7.29 -9.19 -3.32
C TRP A 197 6.75 -10.58 -3.63
N LYS A 198 5.93 -11.15 -2.74
CA LYS A 198 5.24 -12.39 -3.04
C LYS A 198 4.36 -12.23 -4.28
N ASN A 199 3.74 -11.06 -4.44
CA ASN A 199 2.80 -10.85 -5.53
C ASN A 199 3.49 -10.70 -6.88
N LYS A 200 4.80 -10.45 -6.91
CA LYS A 200 5.53 -10.42 -8.18
C LYS A 200 6.38 -11.66 -8.39
N GLY A 201 6.03 -12.78 -7.74
CA GLY A 201 6.57 -14.08 -8.09
C GLY A 201 7.73 -14.58 -7.26
N TYR A 202 8.12 -13.85 -6.22
CA TYR A 202 9.29 -14.26 -5.46
C TYR A 202 8.95 -15.37 -4.47
N PRO A 203 9.91 -16.24 -4.14
CA PRO A 203 9.64 -17.39 -3.27
C PRO A 203 9.70 -17.05 -1.78
N VAL A 204 8.66 -16.36 -1.30
CA VAL A 204 8.63 -15.90 0.08
C VAL A 204 7.38 -16.44 0.76
N SER A 205 7.56 -16.93 2.00
CA SER A 205 6.48 -17.34 2.88
C SER A 205 6.38 -16.36 4.03
N ILE A 206 5.20 -16.28 4.62
CA ILE A 206 4.91 -15.34 5.71
C ILE A 206 4.64 -16.13 6.98
N VAL A 207 5.37 -15.80 8.04
CA VAL A 207 5.26 -16.50 9.31
C VAL A 207 4.94 -15.49 10.40
N TYR A 208 3.87 -15.73 11.15
CA TYR A 208 3.61 -14.98 12.37
C TYR A 208 4.35 -15.64 13.52
N PRO A 209 5.33 -14.96 14.13
CA PRO A 209 6.14 -15.60 15.18
C PRO A 209 5.30 -16.23 16.28
N ILE A 210 5.55 -17.52 16.53
CA ILE A 210 4.69 -18.30 17.41
C ILE A 210 4.84 -17.87 18.86
N GLU A 211 5.97 -17.33 19.23
CA GLU A 211 6.14 -16.89 20.59
C GLU A 211 5.28 -15.68 20.91
N GLY A 212 4.93 -14.94 19.88
CA GLY A 212 4.24 -13.68 20.04
C GLY A 212 4.55 -12.74 18.89
N THR A 213 3.53 -12.15 18.34
CA THR A 213 3.50 -11.57 17.00
C THR A 213 3.16 -10.14 17.40
N MET A 214 4.04 -9.21 17.05
CA MET A 214 3.79 -7.80 17.33
C MET A 214 2.91 -7.21 16.25
N LEU A 215 1.79 -6.60 16.66
CA LEU A 215 0.84 -5.98 15.74
C LEU A 215 1.09 -4.48 15.74
N ASN A 216 1.49 -3.94 14.59
CA ASN A 216 1.66 -2.50 14.48
C ASN A 216 0.30 -1.81 14.49
N VAL A 217 0.14 -0.82 15.38
CA VAL A 217 -1.04 0.03 15.35
C VAL A 217 -0.66 1.36 14.74
N ASP A 218 -0.87 1.50 13.43
CA ASP A 218 -0.62 2.79 12.77
C ASP A 218 -1.66 3.80 13.22
N GLY A 219 -1.26 5.07 13.28
CA GLY A 219 -2.11 6.12 13.80
C GLY A 219 -2.11 7.35 12.92
N ILE A 220 -3.04 8.25 13.24
CA ILE A 220 -3.14 9.56 12.62
C ILE A 220 -3.12 10.60 13.74
N ALA A 221 -2.41 11.71 13.53
CA ALA A 221 -2.30 12.74 14.55
C ALA A 221 -2.42 14.11 13.91
N LEU A 222 -3.10 15.03 14.60
CA LEU A 222 -3.12 16.43 14.20
C LEU A 222 -1.86 17.11 14.70
N VAL A 223 -1.23 17.90 13.83
CA VAL A 223 0.03 18.57 14.16
C VAL A 223 -0.28 19.94 14.73
N LYS A 224 0.39 20.29 15.83
CA LYS A 224 0.20 21.59 16.45
C LYS A 224 0.90 22.66 15.62
N ASN A 225 0.13 23.59 15.07
CA ASN A 225 0.66 24.69 14.26
C ASN A 225 -0.09 25.96 14.64
N ALA A 226 0.29 27.06 13.99
CA ALA A 226 -0.33 28.34 14.29
C ALA A 226 -1.66 28.54 13.57
N HIS A 227 -1.88 27.85 12.45
CA HIS A 227 -3.10 28.03 11.66
C HIS A 227 -3.55 26.67 11.15
N PRO A 228 -4.34 25.94 11.93
CA PRO A 228 -4.78 24.60 11.50
C PRO A 228 -5.74 24.69 10.31
N HIS A 229 -5.53 23.79 9.35
CA HIS A 229 -6.41 23.73 8.20
C HIS A 229 -7.78 23.20 8.63
N PRO A 230 -8.87 23.89 8.30
CA PRO A 230 -10.19 23.47 8.80
C PRO A 230 -10.69 22.15 8.24
N LYS A 231 -10.04 21.59 7.22
CA LYS A 231 -10.46 20.32 6.65
C LYS A 231 -9.74 19.12 7.27
N ARG A 232 -8.85 19.34 8.23
CA ARG A 232 -8.00 18.25 8.69
C ARG A 232 -8.76 17.25 9.55
N LYS A 233 -9.73 17.72 10.35
CA LYS A 233 -10.53 16.78 11.12
C LYS A 233 -11.43 15.93 10.23
N LYS A 234 -11.92 16.52 9.13
CA LYS A 234 -12.67 15.73 8.16
C LYS A 234 -11.80 14.67 7.50
N LEU A 235 -10.50 14.94 7.35
CA LEU A 235 -9.61 13.94 6.76
C LEU A 235 -9.42 12.75 7.69
N VAL A 236 -9.28 13.01 8.99
CA VAL A 236 -9.18 11.92 9.95
C VAL A 236 -10.44 11.06 9.93
N GLN A 237 -11.61 11.70 9.90
CA GLN A 237 -12.86 10.96 9.82
C GLN A 237 -12.96 10.20 8.49
N TYR A 238 -12.47 10.81 7.41
CA TYR A 238 -12.48 10.14 6.12
C TYR A 238 -11.62 8.88 6.14
N LEU A 239 -10.40 9.00 6.68
CA LEU A 239 -9.49 7.86 6.70
C LEU A 239 -9.94 6.76 7.64
N THR A 240 -10.75 7.09 8.66
CA THR A 240 -11.27 6.11 9.58
C THR A 240 -12.68 5.66 9.24
N SER A 241 -13.23 6.17 8.15
CA SER A 241 -14.58 5.79 7.72
C SER A 241 -14.65 4.33 7.30
N ARG A 242 -15.87 3.79 7.25
CA ARG A 242 -16.07 2.40 6.86
C ARG A 242 -15.72 1.98 5.43
N SER A 243 -16.03 2.85 4.47
CA SER A 243 -15.74 2.57 3.06
C SER A 243 -14.26 2.74 2.76
N VAL A 244 -13.61 3.74 3.36
CA VAL A 244 -12.19 3.94 3.13
C VAL A 244 -11.38 2.85 3.80
N GLN A 245 -11.78 2.43 5.00
CA GLN A 245 -11.07 1.34 5.67
C GLN A 245 -11.18 0.05 4.88
N GLN A 246 -12.30 -0.18 4.20
CA GLN A 246 -12.43 -1.38 3.37
C GLN A 246 -11.45 -1.35 2.20
N ARG A 247 -11.25 -0.18 1.59
CA ARG A 247 -10.27 -0.07 0.52
C ARG A 247 -8.85 -0.22 1.05
N LEU A 248 -8.57 0.36 2.21
CA LEU A 248 -7.22 0.28 2.78
C LEU A 248 -6.85 -1.16 3.14
N VAL A 249 -7.80 -1.91 3.69
CA VAL A 249 -7.53 -3.31 4.03
C VAL A 249 -7.19 -4.10 2.77
N ALA A 250 -7.90 -3.84 1.67
CA ALA A 250 -7.66 -4.57 0.43
C ALA A 250 -6.33 -4.18 -0.20
N GLU A 251 -5.92 -2.92 -0.09
CA GLU A 251 -4.73 -2.47 -0.80
C GLU A 251 -3.47 -2.59 0.03
N PHE A 252 -3.55 -2.36 1.34
CA PHE A 252 -2.38 -2.38 2.21
C PHE A 252 -2.11 -3.76 2.82
N ASP A 253 -3.02 -4.72 2.61
CA ASP A 253 -2.95 -6.01 3.31
C ASP A 253 -2.89 -5.79 4.82
N ALA A 254 -3.67 -4.82 5.30
CA ALA A 254 -3.76 -4.47 6.70
C ALA A 254 -5.08 -5.00 7.27
N LYS A 255 -5.26 -4.79 8.57
CA LYS A 255 -6.51 -5.08 9.25
C LYS A 255 -7.13 -3.77 9.70
N SER A 256 -8.46 -3.69 9.62
CA SER A 256 -9.15 -2.44 9.92
C SER A 256 -9.19 -2.18 11.42
N ILE A 257 -9.19 -0.90 11.79
CA ILE A 257 -9.37 -0.50 13.17
C ILE A 257 -10.84 -0.57 13.58
N ARG A 258 -11.76 -0.64 12.60
CA ARG A 258 -13.19 -0.61 12.86
C ARG A 258 -13.73 -2.00 13.20
N LYS A 259 -14.74 -2.02 14.07
CA LYS A 259 -15.39 -3.29 14.41
C LYS A 259 -16.23 -3.81 13.24
N ASP A 260 -16.91 -2.92 12.51
CA ASP A 260 -17.79 -3.36 11.44
C ASP A 260 -17.06 -3.78 10.17
N VAL A 261 -15.74 -3.62 10.13
CA VAL A 261 -14.96 -4.05 8.97
C VAL A 261 -14.11 -5.26 9.35
N SER A 262 -13.79 -5.37 10.63
CA SER A 262 -12.92 -6.43 11.12
C SER A 262 -13.52 -7.80 10.77
N GLU A 263 -12.66 -8.82 10.79
CA GLU A 263 -13.05 -10.15 10.38
C GLU A 263 -13.34 -11.02 11.59
N GLN A 264 -14.48 -11.72 11.55
CA GLN A 264 -14.94 -12.49 12.71
C GLN A 264 -15.47 -13.87 12.35
N SER A 265 -15.14 -14.40 11.16
CA SER A 265 -15.76 -15.63 10.64
C SER A 265 -15.20 -16.92 11.25
N ASP A 266 -14.47 -16.88 12.38
CA ASP A 266 -13.97 -18.08 13.05
C ASP A 266 -12.87 -18.78 12.25
N GLN A 267 -13.12 -19.08 10.98
CA GLN A 267 -12.20 -19.91 10.22
C GLN A 267 -10.98 -19.12 9.72
N SER A 268 -11.19 -17.89 9.26
CA SER A 268 -10.24 -17.24 8.37
C SER A 268 -9.01 -16.71 9.10
N ILE A 269 -7.89 -16.70 8.39
CA ILE A 269 -6.63 -16.20 8.93
C ILE A 269 -6.65 -14.68 9.05
N GLU A 270 -7.46 -14.00 8.23
CA GLU A 270 -7.59 -12.56 8.34
C GLU A 270 -8.24 -12.13 9.65
N ASN A 271 -8.85 -13.05 10.38
CA ASN A 271 -9.33 -12.74 11.73
C ASN A 271 -8.14 -12.64 12.68
N LEU A 272 -8.13 -11.58 13.48
CA LEU A 272 -6.99 -11.34 14.37
C LEU A 272 -6.83 -12.45 15.40
N LYS A 273 -7.92 -13.12 15.76
CA LYS A 273 -7.86 -14.14 16.80
C LYS A 273 -7.12 -15.40 16.36
N ASN A 274 -6.78 -15.53 15.09
CA ASN A 274 -6.02 -16.67 14.60
C ASN A 274 -4.53 -16.37 14.46
N ILE A 275 -4.10 -15.19 14.86
CA ILE A 275 -2.69 -14.81 14.87
C ILE A 275 -2.20 -14.84 16.31
N PRO A 276 -1.08 -15.50 16.60
CA PRO A 276 -0.60 -15.57 17.99
C PRO A 276 -0.04 -14.24 18.48
N LEU A 277 -0.93 -13.33 18.86
CA LEU A 277 -0.50 -12.00 19.26
C LEU A 277 0.15 -12.01 20.64
N ILE A 278 1.04 -11.05 20.86
CA ILE A 278 1.68 -10.91 22.17
C ILE A 278 0.62 -10.59 23.22
N PRO A 279 0.60 -11.27 24.37
CA PRO A 279 -0.36 -10.91 25.41
C PRO A 279 -0.19 -9.44 25.81
N LYS A 280 -1.34 -8.77 26.03
CA LYS A 280 -1.31 -7.35 26.31
C LYS A 280 -0.47 -7.03 27.55
N SER A 281 -0.50 -7.92 28.55
CA SER A 281 0.26 -7.67 29.77
C SER A 281 1.77 -7.66 29.53
N LYS A 282 2.23 -8.28 28.44
CA LYS A 282 3.66 -8.39 28.17
C LYS A 282 4.18 -7.33 27.20
N LEU A 283 3.31 -6.64 26.49
CA LEU A 283 3.76 -5.63 25.54
C LEU A 283 4.55 -4.54 26.26
N PRO A 284 5.80 -4.28 25.88
CA PRO A 284 6.61 -3.30 26.62
C PRO A 284 5.98 -1.92 26.63
N ASP A 285 5.70 -1.43 27.84
CA ASP A 285 5.20 -0.07 28.02
C ASP A 285 6.34 0.84 28.43
N ILE A 286 7.23 1.06 27.46
CA ILE A 286 8.44 1.85 27.65
C ILE A 286 8.49 2.91 26.55
N PRO A 287 8.82 4.16 26.86
CA PRO A 287 8.95 5.18 25.81
C PRO A 287 9.93 4.74 24.74
N HIS A 288 9.67 5.22 23.52
CA HIS A 288 10.49 4.81 22.38
C HIS A 288 11.97 5.08 22.63
N HIS A 289 12.29 6.29 23.11
CA HIS A 289 13.69 6.63 23.34
C HIS A 289 14.30 5.81 24.48
N LYS A 290 13.49 5.43 25.47
CA LYS A 290 14.03 4.65 26.59
C LYS A 290 14.25 3.18 26.24
N PHE A 291 13.35 2.59 25.44
CA PHE A 291 13.56 1.20 25.04
C PHE A 291 14.83 1.07 24.21
N LEU A 292 15.07 2.03 23.31
CA LEU A 292 16.31 2.03 22.53
C LEU A 292 17.52 2.13 23.44
N GLU A 293 17.45 3.01 24.45
CA GLU A 293 18.55 3.14 25.40
C GLU A 293 18.82 1.83 26.10
N MET A 294 17.77 1.07 26.42
CA MET A 294 17.95 -0.21 27.10
C MET A 294 18.77 -1.19 26.28
N ILE A 295 18.63 -1.16 24.95
CA ILE A 295 19.26 -2.16 24.10
C ILE A 295 20.54 -1.68 23.44
N GLN A 296 20.93 -0.42 23.63
CA GLN A 296 22.16 0.09 23.04
C GLN A 296 23.37 -0.59 23.66
N THR B 1 -3.43 8.92 -41.82
CA THR B 1 -3.02 10.20 -41.28
C THR B 1 -3.25 10.23 -39.77
N ILE B 2 -2.78 11.30 -39.11
CA ILE B 2 -2.85 11.37 -37.65
C ILE B 2 -4.28 11.58 -37.19
N HIS B 3 -4.99 12.53 -37.80
CA HIS B 3 -6.36 12.85 -37.38
C HIS B 3 -7.26 11.61 -37.44
N GLN B 4 -7.12 10.81 -38.50
CA GLN B 4 -7.93 9.60 -38.59
C GLN B 4 -7.47 8.53 -37.64
N HIS B 5 -6.25 8.64 -37.08
CA HIS B 5 -5.79 7.70 -36.08
C HIS B 5 -6.10 8.14 -34.66
N VAL B 6 -6.26 9.44 -34.43
CA VAL B 6 -6.56 9.93 -33.09
C VAL B 6 -8.02 9.71 -32.74
N ASP B 7 -8.93 9.91 -33.71
CA ASP B 7 -10.35 9.78 -33.41
C ASP B 7 -10.78 8.31 -33.29
N GLU B 8 -10.13 7.41 -34.03
CA GLU B 8 -10.45 5.99 -33.89
C GLU B 8 -10.02 5.44 -32.54
N SER B 9 -8.83 5.83 -32.08
CA SER B 9 -8.35 5.36 -30.78
C SER B 9 -9.18 5.94 -29.65
N GLN B 10 -9.52 7.24 -29.72
CA GLN B 10 -10.41 7.82 -28.73
C GLN B 10 -11.73 7.08 -28.67
N SER B 11 -12.33 6.81 -29.84
CA SER B 11 -13.62 6.14 -29.87
C SER B 11 -13.49 4.69 -29.38
N SER B 12 -12.39 4.03 -29.73
CA SER B 12 -12.18 2.66 -29.25
C SER B 12 -11.97 2.63 -27.74
N LEU B 13 -11.15 3.55 -27.22
CA LEU B 13 -10.98 3.65 -25.77
C LEU B 13 -12.26 4.10 -25.09
N HIS B 14 -13.05 4.96 -25.75
CA HIS B 14 -14.35 5.34 -25.24
C HIS B 14 -15.25 4.12 -25.11
N HIS B 15 -15.27 3.26 -26.13
CA HIS B 15 -16.13 2.09 -26.10
C HIS B 15 -15.68 1.07 -25.07
N THR B 16 -14.35 0.87 -24.94
CA THR B 16 -13.85 -0.12 -24.00
C THR B 16 -14.17 0.27 -22.56
N GLU B 17 -14.04 1.55 -22.22
CA GLU B 17 -14.34 1.99 -20.87
C GLU B 17 -15.82 1.82 -20.54
N LYS B 18 -16.69 2.05 -21.53
CA LYS B 18 -18.12 1.81 -21.34
C LYS B 18 -18.39 0.34 -21.03
N GLN B 19 -17.76 -0.56 -21.79
CA GLN B 19 -17.97 -1.99 -21.57
C GLN B 19 -17.51 -2.42 -20.19
N ILE B 20 -16.45 -1.79 -19.67
CA ILE B 20 -16.00 -2.10 -18.31
C ILE B 20 -17.06 -1.68 -17.30
N GLN B 21 -17.57 -0.45 -17.44
CA GLN B 21 -18.56 0.06 -16.49
C GLN B 21 -19.84 -0.77 -16.52
N THR B 22 -20.25 -1.16 -17.72
CA THR B 22 -21.43 -1.98 -17.88
C THR B 22 -21.22 -3.32 -17.25
N PHE B 23 -20.05 -3.88 -17.42
CA PHE B 23 -19.68 -5.12 -16.79
C PHE B 23 -19.84 -5.03 -15.27
N ILE B 24 -19.35 -3.96 -14.70
CA ILE B 24 -19.45 -3.77 -13.28
C ILE B 24 -20.90 -3.71 -12.81
N THR B 25 -21.69 -2.92 -13.48
CA THR B 25 -23.08 -2.76 -13.13
C THR B 25 -23.82 -4.08 -13.17
N GLN B 26 -23.58 -4.87 -14.20
CA GLN B 26 -24.30 -6.12 -14.38
C GLN B 26 -23.77 -7.25 -13.51
N HIS B 27 -22.61 -7.08 -12.87
CA HIS B 27 -22.02 -8.11 -12.04
C HIS B 27 -22.04 -7.76 -10.55
N ASN B 28 -22.64 -6.65 -10.22
CA ASN B 28 -22.79 -6.22 -8.87
C ASN B 28 -23.42 -7.26 -7.95
N ASN B 29 -24.59 -7.69 -8.30
CA ASN B 29 -25.33 -8.67 -7.50
C ASN B 29 -24.63 -10.02 -7.50
N SER B 30 -24.03 -10.41 -8.63
CA SER B 30 -23.35 -11.70 -8.70
C SER B 30 -22.11 -11.71 -7.82
N PHE B 31 -21.37 -10.60 -7.78
CA PHE B 31 -20.16 -10.54 -6.97
C PHE B 31 -20.48 -10.68 -5.48
N GLN B 32 -21.59 -10.09 -5.04
CA GLN B 32 -22.00 -10.21 -3.64
C GLN B 32 -22.32 -11.64 -3.23
N GLU B 33 -22.50 -12.54 -4.20
CA GLU B 33 -22.73 -13.95 -3.93
C GLU B 33 -21.46 -14.79 -3.99
N LEU B 34 -20.33 -14.20 -4.35
CA LEU B 34 -19.10 -14.94 -4.58
C LEU B 34 -18.15 -14.75 -3.40
N ASP B 35 -17.77 -15.85 -2.77
CA ASP B 35 -16.83 -15.87 -1.66
C ASP B 35 -15.45 -16.19 -2.22
N LEU B 36 -14.57 -15.19 -2.25
CA LEU B 36 -13.25 -15.34 -2.86
C LEU B 36 -12.27 -16.10 -1.99
N THR B 37 -12.70 -16.61 -0.83
CA THR B 37 -11.94 -17.63 -0.13
C THR B 37 -12.33 -19.03 -0.55
N ASN B 38 -13.36 -19.16 -1.38
CA ASN B 38 -13.80 -20.43 -1.94
C ASN B 38 -13.25 -20.55 -3.36
N HIS B 39 -12.56 -21.65 -3.64
CA HIS B 39 -11.87 -21.76 -4.92
C HIS B 39 -12.83 -21.88 -6.10
N HIS B 40 -14.05 -22.38 -5.87
CA HIS B 40 -15.04 -22.39 -6.95
C HIS B 40 -15.42 -20.98 -7.34
N ASP B 41 -15.62 -20.09 -6.36
CA ASP B 41 -16.02 -18.73 -6.65
C ASP B 41 -14.87 -17.92 -7.22
N VAL B 42 -13.63 -18.25 -6.84
CA VAL B 42 -12.47 -17.60 -7.45
C VAL B 42 -12.41 -17.94 -8.93
N THR B 43 -12.59 -19.22 -9.26
CA THR B 43 -12.60 -19.63 -10.66
C THR B 43 -13.72 -18.92 -11.42
N ALA B 44 -14.90 -18.81 -10.82
CA ALA B 44 -16.01 -18.13 -11.48
C ALA B 44 -15.68 -16.66 -11.72
N THR B 45 -14.98 -16.02 -10.78
CA THR B 45 -14.63 -14.62 -10.95
C THR B 45 -13.55 -14.44 -12.01
N LYS B 46 -12.54 -15.32 -12.01
CA LYS B 46 -11.52 -15.26 -13.05
C LYS B 46 -12.12 -15.48 -14.43
N ARG B 47 -13.08 -16.38 -14.54
CA ARG B 47 -13.74 -16.61 -15.83
C ARG B 47 -14.42 -15.34 -16.34
N GLU B 48 -15.11 -14.62 -15.45
CA GLU B 48 -15.79 -13.39 -15.86
C GLU B 48 -14.79 -12.30 -16.23
N LEU B 49 -13.71 -12.17 -15.46
CA LEU B 49 -12.73 -11.12 -15.74
C LEU B 49 -11.97 -11.40 -17.03
N LEU B 50 -11.56 -12.65 -17.24
CA LEU B 50 -10.87 -12.99 -18.49
C LEU B 50 -11.80 -12.89 -19.68
N LYS B 51 -13.10 -13.17 -19.50
CA LYS B 51 -14.06 -12.97 -20.58
C LYS B 51 -14.15 -11.50 -20.95
N LEU B 52 -14.18 -10.62 -19.95
CA LEU B 52 -14.24 -9.19 -20.21
C LEU B 52 -12.98 -8.69 -20.89
N ILE B 53 -11.81 -9.16 -20.45
CA ILE B 53 -10.54 -8.71 -20.99
C ILE B 53 -10.48 -8.96 -22.50
N HIS B 54 -10.86 -10.15 -22.92
CA HIS B 54 -10.73 -10.53 -24.33
C HIS B 54 -11.90 -10.05 -25.18
N GLN B 55 -12.91 -9.43 -24.59
CA GLN B 55 -13.94 -8.77 -25.38
C GLN B 55 -13.53 -7.38 -25.84
N GLN B 56 -12.45 -6.84 -25.29
CA GLN B 56 -11.90 -5.52 -25.58
C GLN B 56 -10.73 -5.63 -26.54
N PRO B 57 -10.62 -4.69 -27.50
CA PRO B 57 -9.48 -4.74 -28.43
C PRO B 57 -8.14 -4.59 -27.74
N ALA B 58 -8.04 -3.67 -26.77
CA ALA B 58 -6.76 -3.35 -26.15
C ALA B 58 -6.25 -4.52 -25.32
N THR B 59 -4.95 -4.50 -25.05
CA THR B 59 -4.32 -5.44 -24.13
C THR B 59 -4.51 -4.91 -22.71
N LEU B 60 -5.33 -5.58 -21.93
CA LEU B 60 -5.70 -5.13 -20.59
C LEU B 60 -5.24 -6.14 -19.56
N TYR B 61 -4.82 -5.63 -18.40
CA TYR B 61 -4.46 -6.45 -17.25
C TYR B 61 -5.29 -6.01 -16.06
N TYR B 62 -5.88 -6.98 -15.36
CA TYR B 62 -6.65 -6.68 -14.17
C TYR B 62 -5.86 -7.05 -12.93
N GLU B 63 -6.08 -6.28 -11.87
CA GLU B 63 -5.56 -6.58 -10.53
C GLU B 63 -6.74 -6.52 -9.57
N LEU B 64 -7.11 -7.68 -9.01
CA LEU B 64 -8.19 -7.78 -8.04
C LEU B 64 -7.54 -7.99 -6.68
N SER B 65 -7.57 -6.96 -5.83
CA SER B 65 -6.82 -6.94 -4.59
C SER B 65 -7.76 -6.98 -3.40
N GLY B 66 -7.50 -7.90 -2.47
CA GLY B 66 -8.22 -7.97 -1.23
C GLY B 66 -7.28 -8.24 -0.08
N PRO B 67 -7.84 -8.41 1.14
CA PRO B 67 -6.99 -8.69 2.30
C PRO B 67 -6.13 -9.93 2.11
N ASN B 68 -4.82 -9.72 1.94
CA ASN B 68 -3.85 -10.80 1.77
C ASN B 68 -4.18 -11.67 0.57
N GLN B 69 -4.74 -11.08 -0.49
CA GLN B 69 -5.13 -11.82 -1.68
C GLN B 69 -4.90 -10.95 -2.91
N PHE B 70 -4.34 -11.55 -3.96
CA PHE B 70 -3.97 -10.83 -5.17
C PHE B 70 -4.29 -11.71 -6.37
N ILE B 71 -5.22 -11.26 -7.21
CA ILE B 71 -5.69 -12.01 -8.38
C ILE B 71 -5.41 -11.16 -9.61
N THR B 72 -4.69 -11.72 -10.57
CA THR B 72 -4.28 -10.95 -11.74
C THR B 72 -4.06 -11.89 -12.93
N ASN B 73 -4.18 -11.32 -14.13
CA ASN B 73 -3.76 -11.99 -15.35
C ASN B 73 -2.41 -11.48 -15.85
N ASN B 74 -1.72 -10.68 -15.04
CA ASN B 74 -0.38 -10.20 -15.36
C ASN B 74 0.64 -11.26 -14.94
N TYR B 75 0.58 -12.40 -15.63
CA TYR B 75 1.36 -13.57 -15.22
C TYR B 75 2.85 -13.36 -15.36
N GLU B 76 3.28 -12.51 -16.31
CA GLU B 76 4.69 -12.21 -16.47
C GLU B 76 5.18 -11.12 -15.54
N HIS B 77 4.30 -10.60 -14.67
CA HIS B 77 4.66 -9.58 -13.68
C HIS B 77 5.25 -8.35 -14.35
N LEU B 78 4.63 -7.90 -15.44
CA LEU B 78 5.01 -6.64 -16.04
C LEU B 78 4.71 -5.49 -15.08
N ASN B 79 5.56 -4.47 -15.10
CA ASN B 79 5.40 -3.35 -14.18
C ASN B 79 4.19 -2.52 -14.59
N THR B 80 3.18 -2.48 -13.71
CA THR B 80 1.96 -1.73 -14.00
C THR B 80 2.20 -0.23 -14.04
N LYS B 81 3.34 0.24 -13.50
CA LYS B 81 3.63 1.67 -13.55
C LYS B 81 3.88 2.15 -14.98
N ASN B 82 4.32 1.25 -15.86
CA ASN B 82 4.50 1.57 -17.27
C ASN B 82 3.23 1.36 -18.09
N MET B 83 2.10 1.15 -17.43
CA MET B 83 0.81 1.00 -18.08
C MET B 83 -0.09 2.18 -17.74
N TYR B 84 -1.22 2.25 -18.44
CA TYR B 84 -2.21 3.28 -18.23
C TYR B 84 -3.30 2.76 -17.31
N LEU B 85 -3.43 3.35 -16.13
CA LEU B 85 -4.51 3.00 -15.23
C LEU B 85 -5.83 3.47 -15.83
N PHE B 86 -6.63 2.45 -15.99
CA PHE B 86 -7.72 2.81 -16.89
C PHE B 86 -9.09 2.70 -16.23
N SER B 87 -9.28 2.01 -15.15
CA SER B 87 -10.47 2.03 -14.32
C SER B 87 -10.14 1.49 -12.93
N THR B 88 -10.87 1.99 -11.93
CA THR B 88 -10.76 1.56 -10.55
C THR B 88 -12.17 1.37 -9.99
N HIS B 89 -12.40 0.24 -9.34
CA HIS B 89 -13.71 -0.05 -8.76
C HIS B 89 -13.54 -0.67 -7.38
N GLN B 90 -14.35 -0.22 -6.43
CA GLN B 90 -14.43 -0.82 -5.10
C GLN B 90 -15.64 -1.76 -5.09
N LEU B 91 -15.37 -3.06 -5.00
CA LEU B 91 -16.39 -4.08 -5.20
C LEU B 91 -16.65 -4.85 -3.91
N LYS B 92 -17.92 -5.07 -3.61
CA LYS B 92 -18.31 -5.85 -2.44
C LYS B 92 -18.55 -7.30 -2.88
N PHE B 93 -17.71 -8.20 -2.40
CA PHE B 93 -17.92 -9.63 -2.58
C PHE B 93 -18.58 -10.20 -1.33
N LYS B 94 -18.83 -11.51 -1.35
CA LYS B 94 -19.53 -12.14 -0.24
C LYS B 94 -18.73 -12.10 1.05
N ASN B 95 -17.41 -12.19 0.96
CA ASN B 95 -16.55 -12.30 2.14
C ASN B 95 -15.89 -11.00 2.55
N SER B 96 -15.58 -10.12 1.60
CA SER B 96 -14.85 -8.90 1.90
C SER B 96 -14.96 -7.95 0.70
N THR B 97 -14.37 -6.78 0.85
CA THR B 97 -14.32 -5.78 -0.22
C THR B 97 -13.01 -5.94 -0.99
N TYR B 98 -13.09 -5.92 -2.31
CA TYR B 98 -11.93 -6.04 -3.17
C TYR B 98 -11.85 -4.84 -4.10
N MET B 99 -10.62 -4.41 -4.39
CA MET B 99 -10.36 -3.33 -5.34
C MET B 99 -9.99 -3.93 -6.69
N LEU B 100 -10.68 -3.48 -7.73
CA LEU B 100 -10.41 -3.93 -9.10
C LEU B 100 -9.81 -2.78 -9.89
N LYS B 101 -8.59 -2.96 -10.33
CA LYS B 101 -7.97 -2.03 -11.22
C LYS B 101 -7.68 -2.67 -12.56
N ILE B 102 -7.92 -1.93 -13.63
CA ILE B 102 -7.69 -2.42 -14.99
C ILE B 102 -6.67 -1.49 -15.65
N TYR B 103 -5.59 -2.08 -16.16
CA TYR B 103 -4.50 -1.33 -16.78
C TYR B 103 -4.47 -1.63 -18.28
N MET B 104 -4.14 -0.61 -19.07
CA MET B 104 -3.97 -0.76 -20.51
C MET B 104 -2.47 -0.73 -20.81
N ALA B 105 -1.97 -1.80 -21.41
CA ALA B 105 -0.56 -1.87 -21.77
C ALA B 105 -0.30 -1.45 -23.21
N ASN B 106 -1.23 -1.77 -24.11
CA ASN B 106 -1.15 -1.37 -25.52
C ASN B 106 -2.51 -1.63 -26.15
N THR B 107 -2.68 -1.13 -27.37
CA THR B 107 -3.84 -1.41 -28.18
C THR B 107 -3.38 -1.85 -29.57
N PRO B 108 -4.15 -2.71 -30.25
CA PRO B 108 -3.78 -3.11 -31.61
C PRO B 108 -3.65 -1.94 -32.56
N ARG B 109 -4.41 -0.87 -32.35
CA ARG B 109 -4.30 0.30 -33.21
C ARG B 109 -3.01 1.06 -32.95
N LEU B 110 -2.75 1.39 -31.68
CA LEU B 110 -1.58 2.19 -31.35
C LEU B 110 -0.29 1.44 -31.68
N SER B 111 -0.28 0.13 -31.49
CA SER B 111 0.90 -0.64 -31.83
C SER B 111 1.11 -0.74 -33.33
N GLU B 112 0.03 -0.70 -34.11
CA GLU B 112 0.14 -0.78 -35.56
C GLU B 112 0.63 0.54 -36.15
N ILE B 113 0.02 1.66 -35.74
CA ILE B 113 0.42 2.95 -36.27
C ILE B 113 1.84 3.29 -35.83
N LYS B 114 2.30 2.74 -34.70
CA LYS B 114 3.68 2.93 -34.29
C LYS B 114 4.63 2.15 -35.18
N LYS B 115 4.23 0.93 -35.58
CA LYS B 115 5.07 0.11 -36.44
C LYS B 115 5.00 0.57 -37.89
N ASP B 116 3.79 0.72 -38.43
CA ASP B 116 3.64 1.01 -39.85
C ASP B 116 3.90 2.48 -40.16
N ASN B 117 3.35 3.39 -39.36
CA ASN B 117 3.38 4.82 -39.67
C ASN B 117 4.33 5.60 -38.78
N ARG B 118 5.01 4.95 -37.83
CA ARG B 118 5.90 5.63 -36.89
C ARG B 118 5.18 6.73 -36.12
N GLN B 119 3.87 6.56 -35.94
CA GLN B 119 3.07 7.48 -35.13
C GLN B 119 2.99 6.95 -33.71
N PHE B 120 3.41 7.76 -32.74
CA PHE B 120 3.47 7.35 -31.35
C PHE B 120 2.31 7.98 -30.58
N ALA B 121 2.07 7.43 -29.38
CA ALA B 121 0.93 7.82 -28.58
C ALA B 121 1.37 8.25 -27.18
N LEU B 122 0.67 9.26 -26.65
CA LEU B 122 0.86 9.73 -25.29
C LEU B 122 -0.50 9.97 -24.67
N ILE B 123 -0.58 9.78 -23.35
CA ILE B 123 -1.78 10.09 -22.58
C ILE B 123 -1.37 10.96 -21.40
N VAL B 124 -1.93 12.16 -21.32
CA VAL B 124 -1.58 13.11 -20.27
C VAL B 124 -2.86 13.59 -19.59
N ASP B 125 -2.73 13.94 -18.32
CA ASP B 125 -3.84 14.50 -17.56
C ASP B 125 -3.90 16.02 -17.78
N GLN B 126 -4.91 16.66 -17.18
CA GLN B 126 -5.01 18.11 -17.26
C GLN B 126 -3.87 18.80 -16.51
N TYR B 127 -3.20 18.10 -15.60
CA TYR B 127 -1.99 18.61 -14.99
C TYR B 127 -0.75 18.34 -15.82
N ASP B 128 -0.91 17.74 -16.99
CA ASP B 128 0.16 17.51 -17.96
C ASP B 128 1.15 16.42 -17.52
N ASN B 129 0.73 15.53 -16.62
CA ASN B 129 1.54 14.37 -16.29
C ASN B 129 1.39 13.28 -17.36
N ILE B 130 2.50 12.64 -17.71
CA ILE B 130 2.46 11.55 -18.69
C ILE B 130 1.89 10.30 -18.01
N LEU B 131 0.79 9.79 -18.56
CA LEU B 131 0.15 8.59 -18.03
C LEU B 131 0.32 7.37 -18.94
N TYR B 132 0.75 7.55 -20.18
CA TYR B 132 1.03 6.44 -21.07
C TYR B 132 1.94 6.92 -22.19
N ALA B 133 2.79 6.00 -22.67
CA ALA B 133 3.71 6.32 -23.76
C ALA B 133 4.24 5.01 -24.33
N ASN B 134 4.09 4.83 -25.64
CA ASN B 134 4.73 3.73 -26.35
C ASN B 134 6.03 4.17 -27.02
N ASP B 135 6.59 5.29 -26.58
CA ASP B 135 7.84 5.84 -27.08
C ASP B 135 8.80 5.99 -25.91
N ASP B 136 10.03 5.48 -26.07
CA ASP B 136 11.01 5.54 -25.01
C ASP B 136 11.60 6.93 -24.83
N ARG B 137 11.46 7.81 -25.82
CA ARG B 137 11.87 9.20 -25.66
C ARG B 137 11.22 9.84 -24.44
N PHE B 138 10.00 9.40 -24.10
CA PHE B 138 9.24 9.96 -23.00
C PHE B 138 9.21 8.97 -21.83
N THR B 139 9.18 9.52 -20.63
CA THR B 139 9.20 8.72 -19.41
C THR B 139 7.90 8.90 -18.66
N ILE B 140 7.30 7.78 -18.24
CA ILE B 140 6.07 7.82 -17.48
C ILE B 140 6.29 8.61 -16.20
N GLY B 141 5.31 9.46 -15.85
CA GLY B 141 5.40 10.24 -14.64
C GLY B 141 5.83 11.68 -14.85
N GLU B 142 6.74 11.91 -15.79
CA GLU B 142 7.23 13.25 -16.05
C GLU B 142 6.17 14.06 -16.80
N LYS B 143 6.45 15.35 -16.97
CA LYS B 143 5.55 16.28 -17.59
C LYS B 143 5.72 16.27 -19.11
N TYR B 144 4.66 16.62 -19.81
CA TYR B 144 4.70 16.71 -21.26
C TYR B 144 4.98 18.15 -21.70
N ARG B 145 5.84 18.29 -22.70
CA ARG B 145 6.21 19.60 -23.24
C ARG B 145 6.33 19.46 -24.75
N PRO B 146 5.35 19.94 -25.50
CA PRO B 146 5.35 19.68 -26.95
C PRO B 146 6.53 20.29 -27.70
N GLN B 147 7.04 21.45 -27.24
CA GLN B 147 7.97 22.21 -28.06
C GLN B 147 9.34 21.54 -28.14
N GLN B 148 9.87 21.08 -27.00
CA GLN B 148 11.23 20.56 -26.92
C GLN B 148 11.58 19.66 -28.10
N PHE B 149 10.71 18.69 -28.38
CA PHE B 149 10.88 17.77 -29.49
C PHE B 149 10.02 18.15 -30.70
N GLY B 150 8.84 18.70 -30.47
CA GLY B 150 8.08 19.43 -31.47
C GLY B 150 7.65 18.69 -32.71
N PHE B 151 6.99 17.55 -32.57
CA PHE B 151 6.51 16.82 -33.74
C PHE B 151 5.09 17.20 -34.10
N MET B 152 4.74 16.93 -35.36
CA MET B 152 3.39 17.09 -35.86
C MET B 152 2.42 16.21 -35.08
N ASN B 153 1.56 16.82 -34.27
CA ASN B 153 0.72 16.11 -33.32
C ASN B 153 -0.73 16.51 -33.48
N GLU B 154 -1.60 15.71 -32.85
CA GLU B 154 -3.03 15.98 -32.78
C GLU B 154 -3.58 15.29 -31.54
N SER B 155 -4.36 16.02 -30.75
CA SER B 155 -4.85 15.53 -29.47
C SER B 155 -6.36 15.60 -29.41
N VAL B 156 -6.95 14.69 -28.62
CA VAL B 156 -8.37 14.71 -28.31
C VAL B 156 -8.52 14.44 -26.82
N LYS B 157 -9.70 14.76 -26.29
CA LYS B 157 -10.00 14.56 -24.89
C LYS B 157 -10.64 13.18 -24.69
N LEU B 158 -10.09 12.40 -23.77
CA LEU B 158 -10.66 11.09 -23.48
C LEU B 158 -11.96 11.24 -22.70
N ASN B 159 -12.87 10.30 -22.92
CA ASN B 159 -14.25 10.48 -22.47
C ASN B 159 -14.41 10.24 -20.98
N HIS B 160 -13.64 9.33 -20.40
CA HIS B 160 -13.89 8.85 -19.05
C HIS B 160 -13.22 9.68 -17.96
N ALA B 161 -12.21 10.48 -18.31
CA ALA B 161 -11.50 11.28 -17.31
C ALA B 161 -10.88 12.48 -18.00
N ASP B 162 -10.32 13.37 -17.20
CA ASP B 162 -9.69 14.59 -17.69
C ASP B 162 -8.31 14.28 -18.30
N HIS B 163 -8.32 13.40 -19.30
CA HIS B 163 -7.11 12.96 -19.96
C HIS B 163 -7.17 13.30 -21.44
N ARG B 164 -5.99 13.44 -22.05
CA ARG B 164 -5.88 13.75 -23.47
C ARG B 164 -4.99 12.71 -24.14
N LEU B 165 -5.45 12.17 -25.27
CA LEU B 165 -4.67 11.25 -26.07
C LEU B 165 -3.98 12.03 -27.19
N ILE B 166 -2.66 11.96 -27.23
CA ILE B 166 -1.86 12.70 -28.20
C ILE B 166 -1.09 11.72 -29.08
N ILE B 167 -1.32 11.81 -30.38
CA ILE B 167 -0.60 11.00 -31.37
C ILE B 167 0.25 11.94 -32.22
N TYR B 168 1.55 11.66 -32.30
CA TYR B 168 2.51 12.54 -32.95
C TYR B 168 3.38 11.75 -33.92
N LYS B 169 4.18 12.48 -34.69
CA LYS B 169 5.01 11.87 -35.72
C LYS B 169 6.10 12.86 -36.12
N ASP B 170 7.32 12.35 -36.30
CA ASP B 170 8.45 13.17 -36.73
C ASP B 170 8.47 13.30 -38.25
#